data_5MEV
#
_entry.id   5MEV
#
_cell.length_a   166.514
_cell.length_b   39.705
_cell.length_c   103.515
_cell.angle_alpha   90.00
_cell.angle_beta   125.74
_cell.angle_gamma   90.00
#
_symmetry.space_group_name_H-M   'C 1 2 1'
#
loop_
_entity.id
_entity.type
_entity.pdbx_description
1 polymer 'Induced myeloid leukemia cell differentiation protein Mcl-1 homolog,Induced myeloid leukemia cell differentiation protein Mcl-1'
2 polymer 'Fab Heavy Chain'
3 polymer 'Fab Light Chain'
4 non-polymer (5~{R},13~{S},17~{S})-5-[(3,4-dichlorophenyl)methyl]-8-methyl-13-[(4-methylsulfonylphenyl)methyl]-1,4,8,12,16-pentazatricyclo[15.8.1.0^{20,25}]hexacosa-20,22,24-triene-3,7,15,26-tetrone
5 water water
#
loop_
_entity_poly.entity_id
_entity_poly.type
_entity_poly.pdbx_seq_one_letter_code
_entity_poly.pdbx_strand_id
1 'polypeptide(L)'
;GPLGSEDDLYRQSLEIISRYLREQATGSKDSKPLGEAGAAGRRALETLRRVGDGVQRNHETAFQGMLRKLDIKNEDDVKS
LSRVMIHVFSDGVTNWGRIVTLISFGAFVAKHLKTINQESCIEPLAESITDVLVRTKRDWLVKQRGWDGFVEFFHVEDLE
GG
;
A
2 'polypeptide(L)'
;QVTLKESGGGLVKPGGSLRLSCAASGFTFSSYSMNWVRQAPGKGLEWVSSISSSSSYIYYADSVKGRFTISRDNAKNSLY
LQMNSLRAEDTAVYYCARQVGATWAFDIWGQGTLVTVSAAKTTPPSVYPLAPGSAAQTNSMVTLGCLVKGYFPEPVTVTW
NSGSLSSGVHTFPAVLQSDLYTLSSSVTVPSSPRPSETVTCNVAHPASSTKVDKKIVPRDCAAAENLYFQ
;
H
3 'polypeptide(L)'
;QSVLTQPPSASGTPGQRVTISCSGSSSNIGSNTVNWYQQLPGTAPKLLIYSNNQRPSGVPDRFSGSKSGTSASLAISGLQ
SEDEADYYCAAWDDSLNAWVFGGGTKLTVLGQPKSSPSVTLFPPSSEELETNKATLVCTITDFYPGVVTVDWKVDGTPVT
QGMETTQPSKQSNNKYMASSYLTLTARAWERHSSYSCQVTHEGHTVEKSLSRADCAAAENLYFQGS
;
L
#
# COMPACT_ATOMS: atom_id res chain seq x y z
N ASP A 7 9.87 4.84 -35.02
CA ASP A 7 10.18 3.86 -33.93
C ASP A 7 10.66 4.61 -32.68
N ASP A 8 9.79 4.65 -31.67
CA ASP A 8 10.03 5.44 -30.46
C ASP A 8 11.10 4.81 -29.57
N LEU A 9 11.07 3.48 -29.45
CA LEU A 9 12.03 2.75 -28.62
C LEU A 9 13.41 2.65 -29.28
N TYR A 10 13.44 2.46 -30.60
CA TYR A 10 14.70 2.39 -31.35
C TYR A 10 15.46 3.71 -31.28
N ARG A 11 14.74 4.82 -31.38
CA ARG A 11 15.32 6.16 -31.17
C ARG A 11 15.88 6.35 -29.76
N GLN A 12 15.09 5.95 -28.75
CA GLN A 12 15.52 6.01 -27.35
C GLN A 12 16.74 5.12 -27.13
N SER A 13 16.71 3.90 -27.70
CA SER A 13 17.75 2.88 -27.49
C SER A 13 19.07 3.21 -28.19
N LEU A 14 19.01 3.39 -29.50
CA LEU A 14 20.20 3.72 -30.30
C LEU A 14 21.04 4.82 -29.67
N GLU A 15 20.41 5.89 -29.19
CA GLU A 15 21.13 7.02 -28.59
C GLU A 15 21.76 6.67 -27.25
N ILE A 16 21.06 5.89 -26.43
CA ILE A 16 21.62 5.39 -25.16
C ILE A 16 22.77 4.39 -25.39
N ILE A 17 22.64 3.53 -26.41
CA ILE A 17 23.71 2.58 -26.74
C ILE A 17 24.97 3.30 -27.28
N SER A 18 24.79 4.15 -28.28
CA SER A 18 25.89 4.90 -28.92
C SER A 18 26.80 5.61 -27.92
N ARG A 19 26.20 6.38 -27.03
CA ARG A 19 26.94 7.13 -25.99
C ARG A 19 27.86 6.25 -25.14
N TYR A 20 27.34 5.08 -24.72
CA TYR A 20 28.10 4.15 -23.89
C TYR A 20 29.26 3.53 -24.66
N LEU A 21 28.98 3.08 -25.88
CA LEU A 21 30.03 2.63 -26.79
C LEU A 21 31.13 3.68 -26.98
N ARG A 22 30.72 4.89 -27.36
CA ARG A 22 31.66 5.96 -27.68
C ARG A 22 32.43 6.54 -26.48
N GLU A 23 31.92 6.40 -25.25
CA GLU A 23 32.69 6.83 -24.05
C GLU A 23 33.66 5.74 -23.54
N GLN A 24 33.39 4.49 -23.91
CA GLN A 24 34.29 3.38 -23.63
C GLN A 24 35.50 3.42 -24.57
N ALA A 25 35.25 3.64 -25.85
CA ALA A 25 36.32 3.86 -26.83
C ALA A 25 37.15 5.12 -26.53
N THR A 26 36.51 6.13 -25.97
CA THR A 26 37.18 7.39 -25.57
C THR A 26 37.94 7.24 -24.25
N GLY A 27 37.31 6.59 -23.26
CA GLY A 27 37.77 6.66 -21.88
C GLY A 27 37.52 8.03 -21.26
N SER A 28 36.50 8.74 -21.74
CA SER A 28 36.09 10.03 -21.21
C SER A 28 34.64 10.30 -21.64
N LYS A 29 33.81 10.69 -20.68
CA LYS A 29 32.36 10.81 -20.88
C LYS A 29 31.97 12.04 -21.71
N ASP A 30 30.88 11.91 -22.48
CA ASP A 30 30.32 13.03 -23.26
C ASP A 30 29.37 13.81 -22.35
N SER A 31 29.58 15.12 -22.22
CA SER A 31 28.84 15.97 -21.27
C SER A 31 27.59 16.68 -21.85
N LYS A 32 27.48 16.75 -23.17
CA LYS A 32 26.31 17.34 -23.87
C LYS A 32 24.99 16.58 -23.58
N PRO A 33 23.84 17.27 -23.65
CA PRO A 33 22.58 16.66 -23.22
C PRO A 33 21.95 15.72 -24.26
N LEU A 34 21.22 14.70 -23.78
CA LEU A 34 20.51 13.76 -24.65
C LEU A 34 19.19 14.38 -25.13
N GLY A 35 18.98 14.36 -26.44
CA GLY A 35 17.76 14.90 -27.03
C GLY A 35 16.60 13.91 -26.98
N GLU A 36 16.82 12.73 -27.56
CA GLU A 36 15.76 11.73 -27.78
C GLU A 36 15.30 11.05 -26.49
N ALA A 37 16.23 10.37 -25.81
CA ALA A 37 15.93 9.66 -24.56
C ALA A 37 15.63 10.58 -23.37
N GLY A 38 16.03 11.85 -23.47
CA GLY A 38 15.64 12.89 -22.51
C GLY A 38 16.28 12.70 -21.14
N ALA A 39 15.45 12.55 -20.11
CA ALA A 39 15.91 12.24 -18.76
C ALA A 39 16.14 10.72 -18.58
N ALA A 40 15.31 9.91 -19.24
CA ALA A 40 15.38 8.43 -19.17
C ALA A 40 16.71 7.84 -19.69
N GLY A 41 17.40 8.57 -20.55
CA GLY A 41 18.74 8.19 -21.03
C GLY A 41 19.88 8.58 -20.09
N ARG A 42 19.75 9.71 -19.40
CA ARG A 42 20.77 10.17 -18.45
C ARG A 42 21.02 9.10 -17.40
N ARG A 43 19.95 8.69 -16.72
CA ARG A 43 20.04 7.67 -15.67
C ARG A 43 20.36 6.27 -16.23
N ALA A 44 20.04 6.03 -17.50
CA ALA A 44 20.40 4.77 -18.19
C ALA A 44 21.90 4.66 -18.46
N LEU A 45 22.49 5.70 -19.02
CA LEU A 45 23.94 5.74 -19.23
C LEU A 45 24.74 5.78 -17.94
N GLU A 46 24.21 6.41 -16.89
CA GLU A 46 24.83 6.38 -15.56
C GLU A 46 24.67 5.00 -14.87
N THR A 47 23.70 4.21 -15.32
CA THR A 47 23.52 2.81 -14.91
C THR A 47 24.00 1.81 -15.97
N LEU A 48 24.41 2.30 -17.14
CA LEU A 48 25.10 1.47 -18.14
C LEU A 48 26.61 1.47 -17.87
N ARG A 49 27.17 2.66 -17.59
CA ARG A 49 28.56 2.81 -17.14
C ARG A 49 28.93 1.93 -15.94
N ARG A 50 28.00 1.80 -15.01
CA ARG A 50 28.22 1.06 -13.78
C ARG A 50 28.14 -0.46 -13.99
N VAL A 51 27.11 -0.92 -14.69
CA VAL A 51 26.84 -2.35 -14.85
C VAL A 51 27.76 -2.95 -15.91
N GLY A 52 27.88 -2.28 -17.05
CA GLY A 52 28.71 -2.73 -18.15
C GLY A 52 30.20 -2.78 -17.88
N ASP A 53 30.70 -1.95 -16.96
CA ASP A 53 32.09 -2.07 -16.48
C ASP A 53 32.28 -3.29 -15.58
N GLY A 54 31.23 -3.69 -14.86
CA GLY A 54 31.24 -4.95 -14.11
C GLY A 54 31.27 -6.18 -15.01
N VAL A 55 30.44 -6.15 -16.06
CA VAL A 55 30.38 -7.24 -17.03
C VAL A 55 31.67 -7.37 -17.84
N GLN A 56 32.24 -6.23 -18.25
CA GLN A 56 33.51 -6.20 -19.00
C GLN A 56 34.73 -6.71 -18.23
N ARG A 57 34.69 -6.67 -16.90
CA ARG A 57 35.75 -7.25 -16.09
C ARG A 57 35.48 -8.73 -15.82
N ASN A 58 34.22 -9.08 -15.53
CA ASN A 58 33.79 -10.49 -15.40
C ASN A 58 34.05 -11.33 -16.65
N HIS A 59 33.76 -10.73 -17.81
CA HIS A 59 33.88 -11.40 -19.09
C HIS A 59 34.94 -10.79 -20.02
N GLU A 60 36.03 -10.26 -19.45
CA GLU A 60 37.18 -9.82 -20.28
C GLU A 60 37.66 -11.00 -21.10
N THR A 61 37.95 -12.10 -20.40
CA THR A 61 38.41 -13.34 -21.00
C THR A 61 37.50 -13.83 -22.10
N ALA A 62 36.20 -13.88 -21.80
CA ALA A 62 35.20 -14.32 -22.75
C ALA A 62 35.17 -13.40 -23.97
N PHE A 63 35.10 -12.09 -23.72
CA PHE A 63 35.03 -11.09 -24.80
C PHE A 63 36.29 -11.07 -25.65
N GLN A 64 37.45 -11.11 -24.99
CA GLN A 64 38.75 -11.20 -25.67
C GLN A 64 38.83 -12.45 -26.54
N GLY A 65 38.26 -13.55 -26.05
CA GLY A 65 38.20 -14.81 -26.79
C GLY A 65 37.33 -14.76 -28.02
N MET A 66 36.12 -14.21 -27.87
CA MET A 66 35.24 -13.95 -29.01
C MET A 66 35.84 -12.95 -30.01
N LEU A 67 36.61 -11.99 -29.51
CA LEU A 67 37.27 -10.99 -30.36
C LEU A 67 38.36 -11.61 -31.24
N ARG A 68 39.26 -12.41 -30.64
CA ARG A 68 40.36 -13.06 -31.38
C ARG A 68 39.85 -14.05 -32.44
N LYS A 69 38.76 -14.75 -32.12
CA LYS A 69 38.08 -15.61 -33.08
C LYS A 69 37.45 -14.74 -34.18
N LEU A 70 36.47 -13.92 -33.80
CA LEU A 70 35.76 -13.03 -34.73
C LEU A 70 36.67 -11.84 -35.05
N ASP A 71 37.67 -12.08 -35.91
CA ASP A 71 38.70 -11.09 -36.20
C ASP A 71 38.09 -9.86 -36.90
N ILE A 72 38.12 -8.74 -36.17
CA ILE A 72 37.48 -7.50 -36.59
C ILE A 72 38.57 -6.54 -37.09
N LYS A 73 38.37 -6.04 -38.31
CA LYS A 73 39.28 -5.08 -38.96
C LYS A 73 38.50 -3.88 -39.50
N ASN A 74 37.47 -4.15 -40.31
CA ASN A 74 36.73 -3.14 -41.11
C ASN A 74 35.26 -3.01 -40.70
N GLU A 75 34.56 -2.05 -41.31
CA GLU A 75 33.14 -1.77 -41.03
C GLU A 75 32.19 -2.93 -41.36
N ASP A 76 32.51 -3.71 -42.39
CA ASP A 76 31.70 -4.88 -42.77
C ASP A 76 31.84 -6.05 -41.82
N ASP A 77 32.98 -6.11 -41.12
CA ASP A 77 33.13 -7.01 -39.98
C ASP A 77 32.19 -6.56 -38.84
N VAL A 78 32.17 -5.25 -38.58
CA VAL A 78 31.27 -4.65 -37.57
C VAL A 78 29.77 -4.87 -37.88
N LYS A 79 29.37 -4.73 -39.14
CA LYS A 79 27.96 -4.94 -39.53
C LYS A 79 27.53 -6.42 -39.58
N SER A 80 28.47 -7.33 -39.85
CA SER A 80 28.20 -8.78 -39.85
C SER A 80 28.31 -9.45 -38.46
N LEU A 81 28.57 -8.65 -37.41
CA LEU A 81 28.47 -9.13 -36.02
C LEU A 81 27.03 -9.48 -35.63
N SER A 82 26.03 -8.95 -36.34
CA SER A 82 24.62 -9.32 -36.17
C SER A 82 24.35 -10.83 -36.18
N ARG A 83 25.14 -11.61 -36.92
CA ARG A 83 24.89 -13.05 -37.10
C ARG A 83 25.16 -13.84 -35.82
N VAL A 84 26.24 -13.49 -35.12
CA VAL A 84 26.62 -14.12 -33.84
C VAL A 84 25.96 -13.41 -32.65
N MET A 85 25.74 -12.10 -32.74
CA MET A 85 25.13 -11.33 -31.64
C MET A 85 23.69 -11.72 -31.27
N ILE A 86 22.95 -12.30 -32.19
CA ILE A 86 21.59 -12.79 -31.89
C ILE A 86 21.59 -14.02 -30.98
N HIS A 87 22.72 -14.73 -30.90
CA HIS A 87 22.82 -15.96 -30.10
C HIS A 87 22.74 -15.77 -28.58
N VAL A 88 22.84 -14.50 -28.14
CA VAL A 88 22.52 -14.09 -26.76
C VAL A 88 21.02 -14.33 -26.44
N PHE A 89 20.16 -14.46 -27.47
CA PHE A 89 18.76 -14.85 -27.31
C PHE A 89 18.32 -16.15 -28.00
N SER A 90 19.11 -16.69 -28.93
CA SER A 90 18.76 -17.97 -29.62
C SER A 90 18.85 -19.17 -28.67
N ASP A 91 17.81 -19.31 -27.87
CA ASP A 91 17.70 -20.29 -26.76
C ASP A 91 16.40 -20.14 -25.95
N GLY A 92 15.83 -18.93 -25.92
CA GLY A 92 14.52 -18.69 -25.31
C GLY A 92 14.57 -17.61 -24.23
N VAL A 93 15.70 -17.55 -23.53
CA VAL A 93 15.86 -16.68 -22.35
C VAL A 93 16.08 -15.23 -22.78
N THR A 94 15.33 -14.32 -22.15
CA THR A 94 15.45 -12.88 -22.34
C THR A 94 15.53 -12.23 -20.98
N ASN A 95 16.68 -11.64 -20.64
CA ASN A 95 16.79 -10.89 -19.41
C ASN A 95 17.80 -9.77 -19.55
N TRP A 96 17.67 -8.75 -18.71
CA TRP A 96 18.57 -7.59 -18.71
C TRP A 96 20.08 -7.93 -18.57
N GLY A 97 20.39 -9.09 -17.98
CA GLY A 97 21.76 -9.59 -17.90
C GLY A 97 22.31 -9.94 -19.27
N ARG A 98 21.48 -10.59 -20.06
CA ARG A 98 21.79 -10.88 -21.47
C ARG A 98 21.92 -9.60 -22.29
N ILE A 99 21.12 -8.59 -21.94
CA ILE A 99 21.13 -7.29 -22.59
C ILE A 99 22.42 -6.52 -22.25
N VAL A 100 22.71 -6.26 -20.97
CA VAL A 100 23.98 -5.57 -20.64
C VAL A 100 25.23 -6.34 -21.06
N THR A 101 25.14 -7.65 -21.19
CA THR A 101 26.20 -8.48 -21.78
C THR A 101 26.34 -8.19 -23.29
N LEU A 102 25.21 -8.00 -23.98
CA LEU A 102 25.20 -7.58 -25.39
C LEU A 102 25.85 -6.21 -25.58
N ILE A 103 25.44 -5.28 -24.74
CA ILE A 103 25.91 -3.89 -24.77
C ILE A 103 27.33 -3.75 -24.22
N SER A 104 27.67 -4.59 -23.24
CA SER A 104 29.01 -4.62 -22.69
C SER A 104 30.03 -5.17 -23.69
N PHE A 105 29.62 -6.16 -24.52
CA PHE A 105 30.51 -6.73 -25.54
C PHE A 105 30.73 -5.76 -26.70
N GLY A 106 29.64 -5.16 -27.19
CA GLY A 106 29.71 -4.07 -28.16
C GLY A 106 30.61 -2.92 -27.70
N ALA A 107 30.50 -2.56 -26.43
CA ALA A 107 31.39 -1.58 -25.80
C ALA A 107 32.87 -2.03 -25.77
N PHE A 108 33.09 -3.32 -25.47
CA PHE A 108 34.42 -3.92 -25.52
C PHE A 108 34.99 -3.93 -26.95
N VAL A 109 34.13 -4.13 -27.95
CA VAL A 109 34.55 -4.09 -29.35
C VAL A 109 34.84 -2.64 -29.80
N ALA A 110 34.04 -1.69 -29.34
CA ALA A 110 34.30 -0.26 -29.61
C ALA A 110 35.68 0.20 -29.11
N LYS A 111 36.11 -0.35 -27.97
CA LYS A 111 37.48 -0.15 -27.46
C LYS A 111 38.54 -0.74 -28.39
N HIS A 112 38.30 -1.97 -28.82
CA HIS A 112 39.15 -2.65 -29.81
C HIS A 112 39.23 -1.87 -31.13
N LEU A 113 38.09 -1.41 -31.62
CA LEU A 113 38.02 -0.61 -32.85
C LEU A 113 38.88 0.67 -32.78
N LYS A 114 38.97 1.27 -31.59
CA LYS A 114 39.81 2.46 -31.39
C LYS A 114 41.29 2.13 -31.53
N THR A 115 41.75 1.02 -30.94
CA THR A 115 43.17 0.62 -31.05
C THR A 115 43.60 0.30 -32.49
N ILE A 116 42.67 -0.17 -33.33
CA ILE A 116 42.91 -0.32 -34.78
C ILE A 116 42.50 0.93 -35.61
N ASN A 117 42.33 2.08 -34.95
CA ASN A 117 41.88 3.35 -35.55
C ASN A 117 40.66 3.23 -36.46
N GLN A 118 39.57 2.76 -35.86
CA GLN A 118 38.29 2.60 -36.54
C GLN A 118 37.15 3.20 -35.70
N GLU A 119 37.28 4.47 -35.35
CA GLU A 119 36.21 5.22 -34.65
C GLU A 119 35.01 5.56 -35.55
N SER A 120 35.19 5.43 -36.88
CA SER A 120 34.07 5.47 -37.83
C SER A 120 33.13 4.27 -37.67
N CYS A 121 33.70 3.11 -37.35
CA CYS A 121 32.94 1.86 -37.22
C CYS A 121 32.20 1.68 -35.88
N ILE A 122 32.28 2.65 -34.97
CA ILE A 122 31.48 2.63 -33.73
C ILE A 122 30.00 2.96 -34.03
N GLU A 123 29.75 3.77 -35.08
CA GLU A 123 28.38 4.12 -35.48
C GLU A 123 27.57 2.89 -35.95
N PRO A 124 28.06 2.11 -36.94
CA PRO A 124 27.36 0.87 -37.34
C PRO A 124 27.51 -0.35 -36.41
N LEU A 125 28.30 -0.24 -35.33
CA LEU A 125 28.28 -1.21 -34.24
C LEU A 125 27.07 -0.94 -33.34
N ALA A 126 26.94 0.33 -32.94
CA ALA A 126 25.77 0.83 -32.19
C ALA A 126 24.44 0.56 -32.92
N GLU A 127 24.44 0.76 -34.23
CA GLU A 127 23.28 0.45 -35.08
C GLU A 127 23.04 -1.05 -35.18
N SER A 128 24.12 -1.84 -35.20
CA SER A 128 24.01 -3.30 -35.24
C SER A 128 23.46 -3.87 -33.94
N ILE A 129 23.90 -3.31 -32.81
CA ILE A 129 23.46 -3.77 -31.48
C ILE A 129 21.99 -3.44 -31.21
N THR A 130 21.58 -2.21 -31.50
CA THR A 130 20.20 -1.78 -31.30
C THR A 130 19.22 -2.56 -32.19
N ASP A 131 19.65 -2.93 -33.40
CA ASP A 131 18.82 -3.75 -34.31
C ASP A 131 18.53 -5.14 -33.73
N VAL A 132 19.58 -5.82 -33.26
CA VAL A 132 19.45 -7.14 -32.66
C VAL A 132 18.55 -7.07 -31.42
N LEU A 133 18.61 -5.97 -30.69
CA LEU A 133 17.95 -5.80 -29.41
C LEU A 133 16.50 -5.29 -29.50
N VAL A 134 16.27 -4.26 -30.31
CA VAL A 134 14.95 -3.62 -30.43
C VAL A 134 13.99 -4.42 -31.33
N ARG A 135 14.43 -4.79 -32.54
CA ARG A 135 13.56 -5.52 -33.50
C ARG A 135 13.15 -6.91 -32.99
N THR A 136 14.01 -7.57 -32.24
CA THR A 136 13.79 -8.97 -31.85
C THR A 136 13.08 -9.09 -30.49
N LYS A 137 13.43 -8.24 -29.53
CA LYS A 137 12.91 -8.31 -28.16
C LYS A 137 12.20 -7.02 -27.74
N ARG A 138 11.28 -6.54 -28.58
CA ARG A 138 10.54 -5.30 -28.33
C ARG A 138 9.44 -5.46 -27.29
N ASP A 139 8.62 -6.50 -27.46
CA ASP A 139 7.47 -6.73 -26.56
C ASP A 139 7.89 -7.17 -25.17
N TRP A 140 9.10 -7.71 -25.06
CA TRP A 140 9.73 -7.92 -23.76
C TRP A 140 10.14 -6.58 -23.17
N LEU A 141 10.85 -5.78 -23.97
CA LEU A 141 11.28 -4.43 -23.56
C LEU A 141 10.11 -3.52 -23.11
N VAL A 142 9.06 -3.42 -23.91
CA VAL A 142 7.89 -2.59 -23.57
C VAL A 142 7.17 -3.12 -22.32
N LYS A 143 7.02 -4.44 -22.23
CA LYS A 143 6.47 -5.11 -21.03
C LYS A 143 7.29 -4.75 -19.80
N GLN A 144 8.62 -4.79 -19.92
CA GLN A 144 9.52 -4.54 -18.79
C GLN A 144 9.90 -3.05 -18.71
N ARG A 145 8.93 -2.17 -18.98
CA ARG A 145 9.06 -0.70 -18.88
C ARG A 145 10.24 -0.06 -19.63
N GLY A 146 10.75 -0.69 -20.68
CA GLY A 146 11.85 -0.14 -21.48
C GLY A 146 13.05 0.26 -20.65
N TRP A 147 13.71 1.36 -21.02
CA TRP A 147 14.89 1.87 -20.31
C TRP A 147 14.57 2.40 -18.90
N ASP A 148 13.32 2.77 -18.67
CA ASP A 148 12.86 3.09 -17.31
C ASP A 148 13.00 1.87 -16.40
N GLY A 149 12.66 0.70 -16.95
CA GLY A 149 12.87 -0.58 -16.29
C GLY A 149 14.34 -0.94 -16.21
N PHE A 150 15.10 -0.73 -17.29
CA PHE A 150 16.55 -0.96 -17.30
C PHE A 150 17.23 -0.28 -16.11
N VAL A 151 16.91 0.99 -15.91
CA VAL A 151 17.43 1.77 -14.79
C VAL A 151 16.97 1.18 -13.46
N GLU A 152 15.66 0.92 -13.36
CA GLU A 152 15.02 0.38 -12.15
C GLU A 152 15.53 -0.99 -11.74
N PHE A 153 15.73 -1.87 -12.73
CA PHE A 153 16.15 -3.26 -12.52
C PHE A 153 17.54 -3.37 -11.93
N PHE A 154 18.48 -2.60 -12.50
CA PHE A 154 19.88 -2.62 -12.07
C PHE A 154 20.22 -1.66 -10.91
N HIS A 155 19.32 -0.74 -10.58
CA HIS A 155 19.50 0.14 -9.43
C HIS A 155 19.71 -0.68 -8.16
N VAL A 156 20.65 -0.27 -7.31
CA VAL A 156 21.07 -1.06 -6.14
C VAL A 156 20.83 -0.40 -4.78
N GLU A 157 21.24 0.86 -4.61
CA GLU A 157 21.13 1.59 -3.34
C GLU A 157 22.00 0.97 -2.23
N GLN B 1 16.37 5.65 7.03
CA GLN B 1 14.89 5.85 7.13
C GLN B 1 14.27 6.07 5.75
N VAL B 2 13.31 5.22 5.40
CA VAL B 2 12.68 5.22 4.08
C VAL B 2 11.18 5.37 4.27
N THR B 3 10.66 6.56 3.95
CA THR B 3 9.24 6.86 4.17
C THR B 3 8.52 7.45 2.95
N LEU B 4 7.24 7.11 2.86
CA LEU B 4 6.30 7.66 1.90
C LEU B 4 5.22 8.37 2.69
N LYS B 5 4.95 9.64 2.37
CA LYS B 5 3.94 10.43 3.07
C LYS B 5 2.92 11.05 2.10
N GLU B 6 1.70 10.54 2.15
CA GLU B 6 0.60 11.00 1.31
C GLU B 6 -0.14 12.17 1.95
N SER B 7 -0.35 13.23 1.19
CA SER B 7 -1.15 14.38 1.61
C SER B 7 -2.22 14.67 0.57
N GLY B 8 -3.13 15.60 0.91
CA GLY B 8 -4.08 16.18 -0.05
C GLY B 8 -5.50 15.68 0.04
N GLY B 9 -5.67 14.42 0.43
CA GLY B 9 -6.99 13.84 0.54
C GLY B 9 -7.85 14.50 1.59
N GLY B 10 -9.16 14.43 1.38
CA GLY B 10 -10.14 15.07 2.25
C GLY B 10 -11.52 15.04 1.63
N LEU B 11 -12.37 15.98 2.04
CA LEU B 11 -13.75 16.04 1.56
C LEU B 11 -13.88 16.74 0.21
N VAL B 12 -14.40 16.00 -0.76
CA VAL B 12 -14.68 16.52 -2.09
C VAL B 12 -16.14 16.14 -2.46
N LYS B 13 -16.80 17.00 -3.23
CA LYS B 13 -18.17 16.75 -3.65
C LYS B 13 -18.21 15.76 -4.80
N PRO B 14 -19.37 15.10 -5.00
CA PRO B 14 -19.46 14.21 -6.15
C PRO B 14 -19.46 15.06 -7.41
N GLY B 15 -18.40 14.93 -8.19
CA GLY B 15 -18.12 15.79 -9.34
C GLY B 15 -16.79 16.54 -9.20
N GLY B 16 -16.37 16.82 -7.97
CA GLY B 16 -15.18 17.62 -7.71
C GLY B 16 -13.85 16.95 -8.08
N SER B 17 -12.78 17.71 -7.92
CA SER B 17 -11.43 17.26 -8.24
C SER B 17 -10.53 17.37 -7.03
N LEU B 18 -9.57 16.46 -6.97
CA LEU B 18 -8.66 16.40 -5.85
C LEU B 18 -7.29 15.94 -6.34
N ARG B 19 -6.23 16.57 -5.84
CA ARG B 19 -4.85 16.14 -6.15
C ARG B 19 -4.15 15.53 -4.93
N LEU B 20 -4.06 14.21 -4.93
CA LEU B 20 -3.28 13.49 -3.92
C LEU B 20 -1.81 13.64 -4.24
N SER B 21 -1.02 13.70 -3.17
CA SER B 21 0.35 14.16 -3.23
C SER B 21 1.20 13.28 -2.32
N CYS B 22 2.11 12.51 -2.91
CA CYS B 22 2.98 11.62 -2.16
C CYS B 22 4.40 12.17 -2.14
N ALA B 23 5.04 12.12 -0.97
CA ALA B 23 6.42 12.58 -0.80
C ALA B 23 7.29 11.38 -0.48
N ALA B 24 8.40 11.25 -1.21
CA ALA B 24 9.32 10.12 -1.04
C ALA B 24 10.53 10.61 -0.27
N SER B 25 11.05 9.78 0.62
CA SER B 25 12.13 10.17 1.52
C SER B 25 13.16 9.07 1.73
N GLY B 26 14.43 9.46 1.82
CA GLY B 26 15.53 8.54 2.13
C GLY B 26 15.84 7.45 1.11
N PHE B 27 15.51 7.69 -0.15
CA PHE B 27 15.94 6.83 -1.26
C PHE B 27 16.05 7.65 -2.52
N THR B 28 16.49 7.01 -3.59
CA THR B 28 16.58 7.70 -4.87
C THR B 28 15.27 7.50 -5.64
N PHE B 29 14.30 8.37 -5.33
CA PHE B 29 12.99 8.40 -6.00
C PHE B 29 13.10 8.33 -7.51
N SER B 30 14.09 9.03 -8.07
CA SER B 30 14.37 8.99 -9.51
C SER B 30 14.72 7.61 -10.14
N SER B 31 14.80 6.53 -9.35
CA SER B 31 15.13 5.18 -9.87
C SER B 31 14.09 4.07 -9.55
N TYR B 32 12.87 4.45 -9.19
CA TYR B 32 11.82 3.48 -8.87
C TYR B 32 10.56 3.78 -9.63
N SER B 33 9.78 2.75 -9.95
CA SER B 33 8.42 2.95 -10.36
C SER B 33 7.58 3.19 -9.09
N MET B 34 6.58 4.07 -9.22
CA MET B 34 5.69 4.40 -8.12
C MET B 34 4.30 3.92 -8.45
N ASN B 35 3.51 3.75 -7.40
CA ASN B 35 2.18 3.17 -7.52
C ASN B 35 1.21 3.83 -6.56
N TRP B 36 0.00 4.08 -7.04
CA TRP B 36 -1.12 4.43 -6.19
C TRP B 36 -1.98 3.20 -6.02
N VAL B 37 -2.16 2.76 -4.77
CA VAL B 37 -3.13 1.71 -4.47
C VAL B 37 -4.19 2.36 -3.60
N ARG B 38 -5.45 2.08 -3.91
CA ARG B 38 -6.59 2.60 -3.17
C ARG B 38 -7.34 1.48 -2.49
N GLN B 39 -7.95 1.80 -1.36
CA GLN B 39 -8.69 0.81 -0.61
C GLN B 39 -9.92 1.44 0.02
N ALA B 40 -11.09 1.12 -0.53
CA ALA B 40 -12.36 1.46 0.10
C ALA B 40 -12.34 0.97 1.55
N PRO B 41 -12.68 1.85 2.52
CA PRO B 41 -12.76 1.39 3.92
C PRO B 41 -13.60 0.11 4.02
N GLY B 42 -13.04 -0.93 4.64
CA GLY B 42 -13.74 -2.21 4.79
C GLY B 42 -13.48 -3.22 3.69
N LYS B 43 -13.30 -2.75 2.46
CA LYS B 43 -13.10 -3.65 1.31
C LYS B 43 -11.61 -3.81 1.02
N GLY B 44 -11.31 -4.68 0.06
CA GLY B 44 -9.93 -5.01 -0.33
C GLY B 44 -9.23 -3.95 -1.17
N LEU B 45 -7.90 -4.08 -1.22
CA LEU B 45 -7.03 -3.19 -2.00
C LEU B 45 -7.38 -3.25 -3.48
N GLU B 46 -7.39 -2.08 -4.12
CA GLU B 46 -7.46 -1.97 -5.57
C GLU B 46 -6.27 -1.13 -6.06
N TRP B 47 -5.55 -1.65 -7.05
CA TRP B 47 -4.54 -0.86 -7.74
C TRP B 47 -5.24 0.11 -8.69
N VAL B 48 -4.62 1.29 -8.83
CA VAL B 48 -5.22 2.48 -9.42
C VAL B 48 -4.32 3.14 -10.46
N SER B 49 -3.04 3.36 -10.16
CA SER B 49 -2.11 3.74 -11.21
C SER B 49 -0.65 3.50 -10.83
N SER B 50 0.19 3.28 -11.85
CA SER B 50 1.63 3.14 -11.74
C SER B 50 2.31 4.12 -12.69
N ILE B 51 3.55 4.49 -12.38
CA ILE B 51 4.32 5.39 -13.25
C ILE B 51 5.81 5.08 -13.11
N SER B 52 6.46 4.80 -14.23
CA SER B 52 7.88 4.43 -14.22
C SER B 52 8.77 5.58 -13.77
N SER B 53 10.05 5.28 -13.54
CA SER B 53 11.03 6.22 -12.96
C SER B 53 11.03 7.60 -13.58
N SER B 54 11.11 7.65 -14.90
CA SER B 54 11.13 8.90 -15.64
C SER B 54 9.83 9.08 -16.45
N SER B 55 8.69 8.77 -15.84
CA SER B 55 7.34 9.05 -16.39
C SER B 55 7.02 8.60 -17.83
N SER B 56 7.80 7.67 -18.38
CA SER B 56 7.62 7.24 -19.77
C SER B 56 6.62 6.08 -19.92
N TYR B 57 6.40 5.31 -18.85
CA TYR B 57 5.45 4.18 -18.86
C TYR B 57 4.35 4.33 -17.78
N ILE B 58 3.17 4.79 -18.20
CA ILE B 58 2.05 5.10 -17.31
C ILE B 58 0.92 4.05 -17.46
N TYR B 59 0.38 3.58 -16.34
CA TYR B 59 -0.62 2.50 -16.33
C TYR B 59 -1.74 2.84 -15.36
N TYR B 60 -2.99 2.66 -15.81
CA TYR B 60 -4.18 2.96 -15.01
C TYR B 60 -5.09 1.76 -14.90
N ALA B 61 -5.79 1.67 -13.77
CA ALA B 61 -6.89 0.72 -13.61
C ALA B 61 -8.11 1.22 -14.37
N ASP B 62 -8.92 0.29 -14.88
CA ASP B 62 -10.13 0.63 -15.68
C ASP B 62 -11.05 1.65 -14.99
N SER B 63 -11.32 1.44 -13.71
CA SER B 63 -12.22 2.30 -12.96
C SER B 63 -11.77 3.78 -13.00
N VAL B 64 -10.53 4.03 -12.58
CA VAL B 64 -9.98 5.39 -12.61
C VAL B 64 -9.58 5.91 -14.02
N LYS B 65 -9.27 4.98 -14.93
CA LYS B 65 -8.94 5.28 -16.36
C LYS B 65 -9.81 6.37 -17.00
N GLY B 66 -9.18 7.46 -17.44
CA GLY B 66 -9.87 8.63 -17.98
C GLY B 66 -9.99 9.77 -16.97
N ARG B 67 -10.47 9.45 -15.78
CA ARG B 67 -10.72 10.42 -14.72
C ARG B 67 -9.51 10.75 -13.85
N PHE B 68 -8.51 9.89 -13.83
CA PHE B 68 -7.33 10.08 -12.99
C PHE B 68 -6.07 10.16 -13.85
N THR B 69 -5.15 11.05 -13.46
CA THR B 69 -3.86 11.22 -14.13
C THR B 69 -2.75 11.07 -13.12
N ILE B 70 -1.78 10.21 -13.41
CA ILE B 70 -0.63 10.02 -12.53
C ILE B 70 0.56 10.78 -13.09
N SER B 71 1.32 11.36 -12.18
CA SER B 71 2.50 12.12 -12.55
C SER B 71 3.45 12.11 -11.39
N ARG B 72 4.70 12.45 -11.68
CA ARG B 72 5.75 12.53 -10.68
C ARG B 72 6.68 13.67 -11.03
N ASP B 73 7.36 14.19 -10.03
CA ASP B 73 8.36 15.22 -10.20
C ASP B 73 9.62 14.79 -9.46
N ASN B 74 10.52 14.11 -10.18
CA ASN B 74 11.78 13.61 -9.61
C ASN B 74 12.74 14.70 -9.05
N ALA B 75 12.42 15.99 -9.26
CA ALA B 75 13.14 17.09 -8.59
C ALA B 75 12.63 17.31 -7.18
N LYS B 76 11.31 17.15 -7.01
CA LYS B 76 10.62 17.35 -5.71
C LYS B 76 10.34 16.04 -4.94
N ASN B 77 10.84 14.91 -5.43
CA ASN B 77 10.59 13.59 -4.80
C ASN B 77 9.12 13.30 -4.58
N SER B 78 8.29 13.80 -5.49
CA SER B 78 6.86 13.84 -5.31
C SER B 78 6.18 13.07 -6.39
N LEU B 79 5.28 12.19 -6.00
CA LEU B 79 4.34 11.56 -6.90
C LEU B 79 3.00 12.25 -6.72
N TYR B 80 2.22 12.30 -7.80
CA TYR B 80 0.90 12.94 -7.84
C TYR B 80 -0.20 12.04 -8.42
N LEU B 81 -1.43 12.48 -8.27
CA LEU B 81 -2.60 11.82 -8.85
C LEU B 81 -3.73 12.85 -8.90
N GLN B 82 -4.07 13.29 -10.11
CA GLN B 82 -5.13 14.29 -10.27
C GLN B 82 -6.44 13.53 -10.45
N MET B 83 -7.20 13.49 -9.37
CA MET B 83 -8.48 12.79 -9.34
C MET B 83 -9.52 13.78 -9.82
N ASN B 84 -10.13 13.52 -10.99
CA ASN B 84 -11.13 14.42 -11.57
C ASN B 84 -12.49 13.75 -11.75
N SER B 85 -13.55 14.55 -11.61
CA SER B 85 -14.93 14.07 -11.60
C SER B 85 -15.08 12.84 -10.71
N LEU B 86 -14.73 13.02 -9.45
CA LEU B 86 -14.86 11.97 -8.44
C LEU B 86 -16.33 11.63 -8.20
N ARG B 87 -16.63 10.34 -8.10
CA ARG B 87 -17.98 9.83 -7.79
C ARG B 87 -17.92 9.22 -6.38
N ALA B 88 -19.05 9.22 -5.66
CA ALA B 88 -19.15 8.61 -4.30
C ALA B 88 -18.31 7.33 -4.11
N GLU B 89 -18.33 6.50 -5.14
CA GLU B 89 -17.62 5.21 -5.18
C GLU B 89 -16.08 5.31 -5.16
N ASP B 90 -15.51 6.52 -5.25
CA ASP B 90 -14.06 6.76 -5.09
C ASP B 90 -13.61 7.04 -3.65
N THR B 91 -14.56 7.04 -2.71
CA THR B 91 -14.23 7.17 -1.30
C THR B 91 -13.39 5.97 -0.86
N ALA B 92 -12.09 6.24 -0.68
CA ALA B 92 -11.11 5.21 -0.33
C ALA B 92 -9.95 5.85 0.41
N VAL B 93 -9.15 5.03 1.07
CA VAL B 93 -7.81 5.43 1.54
C VAL B 93 -6.80 5.15 0.42
N TYR B 94 -6.16 6.20 -0.09
CA TYR B 94 -5.23 6.09 -1.21
C TYR B 94 -3.81 5.96 -0.71
N TYR B 95 -3.30 4.73 -0.74
CA TYR B 95 -1.93 4.47 -0.34
C TYR B 95 -0.98 4.76 -1.49
N CYS B 96 0.26 5.01 -1.13
CA CYS B 96 1.32 5.10 -2.07
C CYS B 96 2.33 3.98 -1.79
N ALA B 97 2.91 3.46 -2.87
CA ALA B 97 3.81 2.31 -2.76
C ALA B 97 4.95 2.39 -3.78
N ARG B 98 6.15 2.19 -3.26
CA ARG B 98 7.35 2.10 -4.05
C ARG B 98 7.43 0.71 -4.66
N GLN B 99 8.08 0.59 -5.82
CA GLN B 99 8.24 -0.67 -6.55
C GLN B 99 9.71 -1.11 -6.67
N VAL B 100 10.01 -2.32 -6.20
CA VAL B 100 11.35 -2.93 -6.40
C VAL B 100 11.46 -3.24 -7.89
N GLY B 101 12.47 -2.67 -8.54
CA GLY B 101 12.65 -2.88 -9.98
C GLY B 101 12.92 -4.33 -10.36
N ALA B 102 13.55 -5.05 -9.44
CA ALA B 102 14.01 -6.41 -9.67
C ALA B 102 12.93 -7.46 -9.50
N THR B 103 11.87 -7.14 -8.78
CA THR B 103 10.75 -8.06 -8.54
C THR B 103 9.35 -7.47 -8.77
N TRP B 104 9.25 -6.15 -8.97
CA TRP B 104 7.99 -5.44 -9.05
C TRP B 104 7.15 -5.65 -7.78
N ALA B 105 7.82 -5.75 -6.64
CA ALA B 105 7.14 -5.91 -5.37
C ALA B 105 6.93 -4.54 -4.83
N PHE B 106 5.76 -4.32 -4.24
CA PHE B 106 5.49 -3.06 -3.58
C PHE B 106 6.02 -3.15 -2.15
N ASP B 107 7.27 -2.73 -1.96
CA ASP B 107 8.00 -3.04 -0.72
C ASP B 107 7.75 -2.00 0.35
N ILE B 108 8.08 -0.75 0.05
CA ILE B 108 7.74 0.36 0.92
C ILE B 108 6.34 0.78 0.47
N TRP B 109 5.48 1.04 1.45
CA TRP B 109 4.15 1.62 1.29
C TRP B 109 4.14 2.90 2.08
N GLY B 110 3.02 3.62 2.05
CA GLY B 110 2.81 4.77 2.91
C GLY B 110 1.66 4.52 3.87
N GLN B 111 1.39 5.49 4.73
CA GLN B 111 0.35 5.36 5.74
C GLN B 111 -1.07 5.40 5.14
N GLY B 112 -1.24 6.20 4.09
CA GLY B 112 -2.50 6.30 3.35
C GLY B 112 -3.20 7.61 3.66
N THR B 113 -3.99 8.09 2.71
CA THR B 113 -4.71 9.35 2.86
C THR B 113 -6.19 9.13 2.48
N LEU B 114 -7.10 9.37 3.43
CA LEU B 114 -8.53 9.11 3.21
C LEU B 114 -9.13 10.14 2.27
N VAL B 115 -9.80 9.68 1.22
CA VAL B 115 -10.60 10.55 0.36
C VAL B 115 -12.05 10.18 0.57
N THR B 116 -12.90 11.20 0.62
CA THR B 116 -14.27 11.04 0.99
C THR B 116 -15.06 11.89 0.01
N VAL B 117 -15.81 11.22 -0.87
CA VAL B 117 -16.56 11.94 -1.90
C VAL B 117 -18.01 12.04 -1.43
N SER B 118 -18.41 13.26 -1.03
CA SER B 118 -19.75 13.49 -0.51
C SER B 118 -20.19 14.94 -0.64
N ALA B 119 -21.52 15.14 -0.60
CA ALA B 119 -22.17 16.45 -0.61
C ALA B 119 -22.20 17.07 0.80
N ALA B 120 -22.16 16.20 1.81
CA ALA B 120 -22.29 16.62 3.22
C ALA B 120 -21.21 17.61 3.61
N LYS B 121 -21.58 18.65 4.35
CA LYS B 121 -20.61 19.66 4.80
C LYS B 121 -19.73 19.14 5.94
N THR B 122 -18.55 19.75 6.04
CA THR B 122 -17.56 19.38 7.05
C THR B 122 -17.98 19.87 8.45
N THR B 123 -18.71 19.02 9.18
CA THR B 123 -19.13 19.33 10.55
C THR B 123 -17.97 19.06 11.51
N PRO B 124 -17.62 20.02 12.38
CA PRO B 124 -16.60 19.72 13.42
C PRO B 124 -17.13 18.87 14.58
N PRO B 125 -16.25 18.10 15.26
CA PRO B 125 -16.69 17.23 16.35
C PRO B 125 -17.07 17.99 17.62
N SER B 126 -17.90 17.36 18.44
CA SER B 126 -18.38 17.93 19.71
C SER B 126 -17.93 17.01 20.85
N VAL B 127 -16.75 17.29 21.38
CA VAL B 127 -16.10 16.38 22.32
C VAL B 127 -16.80 16.44 23.68
N TYR B 128 -17.54 15.38 24.00
CA TYR B 128 -18.21 15.24 25.30
C TYR B 128 -17.48 14.24 26.21
N PRO B 129 -17.66 14.33 27.56
CA PRO B 129 -16.98 13.40 28.46
C PRO B 129 -17.76 12.13 28.76
N LEU B 130 -17.01 11.05 29.03
CA LEU B 130 -17.56 9.74 29.41
C LEU B 130 -16.87 9.30 30.71
N ALA B 131 -17.48 9.68 31.84
CA ALA B 131 -17.03 9.30 33.19
C ALA B 131 -18.12 8.40 33.80
N PRO B 132 -17.79 7.68 34.90
CA PRO B 132 -18.79 6.77 35.52
C PRO B 132 -20.02 7.47 36.13
N GLY B 133 -21.07 6.70 36.40
CA GLY B 133 -22.32 7.18 37.02
C GLY B 133 -22.53 6.61 38.41
N MET B 141 -8.40 1.86 38.26
CA MET B 141 -9.45 0.88 38.07
C MET B 141 -10.68 1.46 37.35
N VAL B 142 -10.68 2.76 37.04
CA VAL B 142 -11.88 3.45 36.47
C VAL B 142 -11.71 3.78 34.98
N THR B 143 -12.49 3.09 34.14
CA THR B 143 -12.51 3.35 32.71
C THR B 143 -13.21 4.68 32.45
N LEU B 144 -12.43 5.72 32.22
CA LEU B 144 -12.96 6.98 31.72
C LEU B 144 -12.99 6.90 30.18
N GLY B 145 -13.46 7.97 29.56
CA GLY B 145 -13.42 8.08 28.11
C GLY B 145 -13.99 9.38 27.58
N CYS B 146 -13.88 9.58 26.27
CA CYS B 146 -14.48 10.74 25.62
C CYS B 146 -15.21 10.34 24.36
N LEU B 147 -16.30 11.06 24.11
CA LEU B 147 -17.25 10.75 23.03
C LEU B 147 -17.14 11.89 22.03
N VAL B 148 -16.51 11.60 20.89
CA VAL B 148 -16.32 12.56 19.81
C VAL B 148 -17.57 12.47 18.94
N LYS B 149 -18.46 13.46 19.02
CA LYS B 149 -19.77 13.34 18.38
C LYS B 149 -19.99 14.32 17.22
N GLY B 150 -20.51 13.79 16.12
CA GLY B 150 -21.12 14.61 15.06
C GLY B 150 -20.15 15.32 14.15
N TYR B 151 -19.12 14.60 13.69
CA TYR B 151 -18.12 15.16 12.76
C TYR B 151 -18.21 14.51 11.40
N PHE B 152 -17.64 15.18 10.40
CA PHE B 152 -17.55 14.64 9.03
C PHE B 152 -16.52 15.48 8.27
N PRO B 153 -15.62 14.90 7.45
CA PRO B 153 -15.42 13.44 7.29
C PRO B 153 -14.44 12.83 8.30
N GLU B 154 -14.31 11.51 8.23
CA GLU B 154 -13.19 10.82 8.87
C GLU B 154 -11.90 11.28 8.15
N PRO B 155 -10.75 11.29 8.81
CA PRO B 155 -10.56 10.77 10.17
C PRO B 155 -10.49 11.85 11.26
N VAL B 156 -10.65 11.40 12.51
CA VAL B 156 -10.24 12.15 13.70
C VAL B 156 -9.20 11.31 14.41
N THR B 157 -8.37 11.97 15.21
CA THR B 157 -7.39 11.32 16.07
C THR B 157 -7.73 11.67 17.52
N VAL B 158 -7.55 10.72 18.44
CA VAL B 158 -7.68 10.95 19.89
C VAL B 158 -6.42 10.47 20.59
N THR B 159 -5.81 11.34 21.38
CA THR B 159 -4.65 10.98 22.18
C THR B 159 -4.89 11.46 23.62
N TRP B 160 -4.57 10.63 24.58
CA TRP B 160 -4.82 10.96 25.99
C TRP B 160 -3.59 11.59 26.61
N ASN B 161 -3.84 12.65 27.39
CA ASN B 161 -2.81 13.48 27.98
C ASN B 161 -1.71 13.82 26.95
N SER B 162 -2.16 14.41 25.84
CA SER B 162 -1.27 14.97 24.82
C SER B 162 -0.28 13.96 24.20
N GLY B 163 -0.69 12.70 24.12
CA GLY B 163 0.18 11.62 23.65
C GLY B 163 0.93 10.87 24.73
N SER B 164 0.90 11.35 25.98
CA SER B 164 1.66 10.72 27.08
C SER B 164 1.01 9.44 27.59
N LEU B 165 -0.31 9.48 27.75
CA LEU B 165 -1.09 8.29 28.12
C LEU B 165 -1.52 7.60 26.84
N SER B 166 -0.95 6.42 26.59
CA SER B 166 -1.24 5.61 25.39
C SER B 166 -1.51 4.11 25.64
N SER B 167 -1.20 3.61 26.84
CA SER B 167 -1.41 2.19 27.14
C SER B 167 -2.74 2.01 27.86
N GLY B 168 -3.57 1.12 27.33
CA GLY B 168 -4.95 0.98 27.78
C GLY B 168 -5.91 2.03 27.24
N VAL B 169 -5.55 2.72 26.15
CA VAL B 169 -6.48 3.59 25.40
C VAL B 169 -7.15 2.81 24.28
N HIS B 170 -8.44 2.55 24.43
CA HIS B 170 -9.19 1.84 23.43
C HIS B 170 -9.95 2.88 22.62
N THR B 171 -9.50 3.13 21.39
CA THR B 171 -10.14 4.09 20.47
C THR B 171 -10.98 3.32 19.43
N PHE B 172 -12.29 3.39 19.58
CA PHE B 172 -13.22 2.54 18.81
C PHE B 172 -13.49 3.00 17.39
N PRO B 173 -13.88 2.06 16.51
CA PRO B 173 -14.31 2.45 15.17
C PRO B 173 -15.54 3.35 15.23
N ALA B 174 -15.56 4.35 14.36
CA ALA B 174 -16.67 5.31 14.31
C ALA B 174 -17.95 4.72 13.69
N VAL B 175 -19.10 5.27 14.06
CA VAL B 175 -20.40 4.88 13.47
C VAL B 175 -21.01 6.08 12.76
N LEU B 176 -21.81 5.82 11.74
CA LEU B 176 -22.33 6.86 10.85
C LEU B 176 -23.85 7.00 11.00
N GLN B 177 -24.26 7.71 12.06
CA GLN B 177 -25.67 8.07 12.29
C GLN B 177 -25.98 9.35 11.49
N SER B 178 -27.05 9.31 10.67
CA SER B 178 -27.40 10.37 9.69
C SER B 178 -26.32 10.49 8.60
N ASP B 179 -25.68 11.66 8.44
CA ASP B 179 -24.47 11.75 7.63
C ASP B 179 -23.34 12.31 8.49
N LEU B 180 -23.32 11.88 9.76
CA LEU B 180 -22.38 12.40 10.75
C LEU B 180 -21.71 11.27 11.52
N TYR B 181 -20.39 11.31 11.60
CA TYR B 181 -19.62 10.29 12.31
C TYR B 181 -19.64 10.52 13.80
N THR B 182 -19.49 9.43 14.54
CA THR B 182 -19.40 9.43 15.99
C THR B 182 -18.42 8.35 16.36
N LEU B 183 -17.40 8.74 17.13
CA LEU B 183 -16.34 7.87 17.60
C LEU B 183 -16.34 7.95 19.11
N SER B 184 -15.85 6.92 19.78
CA SER B 184 -15.57 7.01 21.21
C SER B 184 -14.21 6.42 21.49
N SER B 185 -13.45 7.06 22.37
CA SER B 185 -12.25 6.50 22.95
C SER B 185 -12.45 6.37 24.45
N SER B 186 -11.57 5.60 25.08
CA SER B 186 -11.69 5.30 26.50
C SER B 186 -10.41 4.70 27.05
N VAL B 187 -10.04 5.14 28.24
CA VAL B 187 -8.84 4.64 28.90
C VAL B 187 -9.18 4.16 30.31
N THR B 188 -8.55 3.06 30.70
CA THR B 188 -8.70 2.49 32.04
C THR B 188 -7.52 2.95 32.89
N VAL B 189 -7.80 3.89 33.80
CA VAL B 189 -6.78 4.51 34.66
C VAL B 189 -6.92 4.16 36.15
N PRO B 190 -5.79 4.08 36.89
CA PRO B 190 -5.87 3.81 38.33
C PRO B 190 -6.71 4.87 39.07
N SER B 191 -7.41 4.45 40.12
CA SER B 191 -8.37 5.33 40.81
C SER B 191 -7.65 6.08 41.93
N SER B 192 -8.08 7.31 42.18
CA SER B 192 -7.47 8.21 43.16
C SER B 192 -6.02 8.53 42.81
N GLU B 197 -2.87 14.90 38.74
CA GLU B 197 -3.55 13.60 38.69
C GLU B 197 -4.48 13.45 37.44
N THR B 198 -5.00 14.57 36.95
CA THR B 198 -5.91 14.70 35.79
C THR B 198 -5.73 13.80 34.56
N VAL B 199 -6.82 13.65 33.80
CA VAL B 199 -6.87 12.86 32.56
C VAL B 199 -7.59 13.64 31.44
N THR B 200 -6.81 14.16 30.49
CA THR B 200 -7.32 15.00 29.40
C THR B 200 -7.29 14.24 28.06
N CYS B 201 -8.29 14.45 27.21
CA CYS B 201 -8.37 13.77 25.91
C CYS B 201 -8.24 14.75 24.74
N ASN B 202 -7.31 14.45 23.83
CA ASN B 202 -6.91 15.37 22.77
C ASN B 202 -7.45 14.93 21.40
N VAL B 203 -8.70 15.29 21.14
CA VAL B 203 -9.33 15.04 19.85
C VAL B 203 -8.80 16.08 18.86
N ALA B 204 -8.78 15.70 17.58
CA ALA B 204 -8.39 16.60 16.50
C ALA B 204 -9.01 16.14 15.18
N HIS B 205 -9.72 17.06 14.51
CA HIS B 205 -10.36 16.80 13.23
C HIS B 205 -9.70 17.74 12.24
N PRO B 206 -8.75 17.22 11.42
CA PRO B 206 -8.03 18.17 10.54
C PRO B 206 -8.88 18.69 9.38
N ALA B 207 -10.00 18.04 9.07
CA ALA B 207 -10.95 18.56 8.08
C ALA B 207 -11.66 19.86 8.54
N SER B 208 -11.86 20.04 9.85
CA SER B 208 -12.39 21.30 10.36
C SER B 208 -11.34 22.22 11.02
N SER B 209 -10.06 21.84 10.94
CA SER B 209 -8.98 22.47 11.71
C SER B 209 -9.22 22.45 13.23
N THR B 210 -10.04 21.49 13.68
CA THR B 210 -10.47 21.42 15.08
C THR B 210 -9.37 20.78 15.91
N LYS B 211 -9.25 21.25 17.14
CA LYS B 211 -8.34 20.67 18.11
C LYS B 211 -8.94 20.97 19.48
N VAL B 212 -9.47 19.93 20.11
CA VAL B 212 -10.04 20.06 21.44
C VAL B 212 -9.27 19.16 22.40
N ASP B 213 -8.87 19.75 23.52
CA ASP B 213 -8.47 19.03 24.71
C ASP B 213 -9.72 19.07 25.60
N LYS B 214 -9.97 18.01 26.35
CA LYS B 214 -11.16 17.96 27.20
C LYS B 214 -10.85 17.15 28.46
N LYS B 215 -11.09 17.77 29.62
CA LYS B 215 -10.75 17.18 30.91
C LYS B 215 -11.91 16.33 31.40
N ILE B 216 -11.62 15.11 31.84
CA ILE B 216 -12.62 14.20 32.37
C ILE B 216 -12.43 14.16 33.89
N VAL B 217 -13.51 14.50 34.60
CA VAL B 217 -13.51 14.61 36.06
C VAL B 217 -14.73 13.85 36.60
N PRO B 218 -14.54 12.86 37.51
CA PRO B 218 -15.70 12.08 37.96
C PRO B 218 -16.62 12.83 38.92
N SER C 2 -13.20 -9.23 -8.69
CA SER C 2 -11.72 -9.31 -8.68
C SER C 2 -11.22 -10.29 -9.74
N VAL C 3 -10.11 -9.96 -10.38
CA VAL C 3 -9.52 -10.80 -11.44
C VAL C 3 -8.73 -11.96 -10.79
N LEU C 4 -7.84 -11.64 -9.86
CA LEU C 4 -7.28 -12.65 -8.97
C LEU C 4 -8.32 -12.88 -7.92
N THR C 5 -8.58 -14.16 -7.63
CA THR C 5 -9.69 -14.55 -6.77
C THR C 5 -9.14 -15.19 -5.51
N GLN C 6 -9.49 -14.61 -4.38
CA GLN C 6 -9.06 -15.12 -3.10
C GLN C 6 -10.27 -15.56 -2.32
N PRO C 7 -10.07 -16.49 -1.35
CA PRO C 7 -11.15 -16.78 -0.43
C PRO C 7 -11.45 -15.55 0.43
N PRO C 8 -12.73 -15.28 0.74
CA PRO C 8 -13.05 -14.11 1.58
C PRO C 8 -12.53 -14.24 3.00
N SER C 9 -12.55 -15.45 3.55
CA SER C 9 -12.12 -15.71 4.93
C SER C 9 -11.63 -17.15 5.09
N ALA C 10 -10.35 -17.31 5.43
CA ALA C 10 -9.76 -18.59 5.81
C ALA C 10 -9.39 -18.53 7.29
N SER C 11 -9.20 -19.69 7.93
CA SER C 11 -8.84 -19.73 9.35
C SER C 11 -8.13 -21.02 9.77
N GLY C 12 -7.69 -21.02 11.02
CA GLY C 12 -7.12 -22.22 11.64
C GLY C 12 -6.86 -21.97 13.10
N THR C 13 -6.66 -23.03 13.87
CA THR C 13 -6.31 -22.90 15.30
C THR C 13 -4.78 -22.71 15.43
N PRO C 14 -4.28 -22.30 16.62
CA PRO C 14 -2.84 -22.05 16.74
C PRO C 14 -2.01 -23.31 16.54
N GLY C 15 -0.82 -23.15 15.95
CA GLY C 15 0.10 -24.25 15.65
C GLY C 15 -0.02 -24.81 14.24
N GLN C 16 -1.27 -24.91 13.76
CA GLN C 16 -1.60 -25.47 12.43
C GLN C 16 -0.92 -24.81 11.23
N ARG C 17 -0.91 -25.53 10.12
CA ARG C 17 -0.63 -24.95 8.81
C ARG C 17 -1.84 -24.17 8.35
N VAL C 18 -1.62 -23.09 7.64
CA VAL C 18 -2.70 -22.31 7.05
C VAL C 18 -2.38 -22.04 5.61
N THR C 19 -3.40 -22.14 4.76
CA THR C 19 -3.24 -21.92 3.32
C THR C 19 -4.26 -20.91 2.82
N ILE C 20 -3.76 -19.85 2.17
CA ILE C 20 -4.59 -18.89 1.47
C ILE C 20 -4.21 -18.97 -0.02
N SER C 21 -5.14 -19.46 -0.84
CA SER C 21 -4.95 -19.53 -2.29
C SER C 21 -5.32 -18.24 -3.00
N CYS C 22 -4.82 -18.13 -4.23
CA CYS C 22 -4.94 -16.94 -5.06
C CYS C 22 -5.05 -17.39 -6.52
N SER C 23 -6.29 -17.59 -6.97
CA SER C 23 -6.54 -18.15 -8.30
C SER C 23 -6.35 -17.12 -9.41
N GLY C 24 -5.37 -17.38 -10.28
CA GLY C 24 -4.91 -16.43 -11.28
C GLY C 24 -5.40 -16.76 -12.67
N SER C 25 -4.53 -16.47 -13.64
CA SER C 25 -4.84 -16.53 -15.07
C SER C 25 -3.53 -16.51 -15.84
N SER C 26 -3.55 -17.06 -17.05
CA SER C 26 -2.35 -17.14 -17.91
C SER C 26 -1.61 -15.81 -18.03
N SER C 27 -2.35 -14.72 -18.20
CA SER C 27 -1.74 -13.40 -18.38
C SER C 27 -1.33 -12.71 -17.06
N ASN C 28 -1.89 -13.11 -15.91
CA ASN C 28 -1.38 -12.57 -14.62
C ASN C 28 -0.39 -13.51 -13.89
N ILE C 29 -0.89 -14.48 -13.12
CA ILE C 29 -0.01 -15.40 -12.39
C ILE C 29 0.69 -16.34 -13.37
N GLY C 30 0.06 -16.64 -14.51
CA GLY C 30 0.66 -17.53 -15.51
C GLY C 30 1.92 -17.00 -16.18
N SER C 31 2.05 -15.67 -16.26
CA SER C 31 3.19 -15.02 -16.86
C SER C 31 4.12 -14.35 -15.83
N ASN C 32 3.56 -13.57 -14.92
CA ASN C 32 4.34 -12.82 -13.94
C ASN C 32 4.26 -13.48 -12.56
N THR C 33 4.98 -12.94 -11.58
CA THR C 33 5.00 -13.52 -10.22
C THR C 33 3.82 -13.08 -9.32
N VAL C 34 3.67 -13.75 -8.19
CA VAL C 34 2.61 -13.46 -7.26
C VAL C 34 3.27 -12.84 -6.04
N ASN C 35 2.81 -11.66 -5.63
CA ASN C 35 3.38 -10.97 -4.46
C ASN C 35 2.31 -10.85 -3.37
N TRP C 36 2.67 -11.24 -2.16
CA TRP C 36 1.77 -11.22 -1.02
C TRP C 36 2.06 -10.04 -0.09
N TYR C 37 1.00 -9.39 0.38
CA TYR C 37 1.09 -8.28 1.32
C TYR C 37 0.21 -8.60 2.51
N GLN C 38 0.71 -8.30 3.70
CA GLN C 38 -0.07 -8.39 4.93
C GLN C 38 -0.65 -7.03 5.30
N GLN C 39 -1.94 -7.02 5.67
CA GLN C 39 -2.58 -5.84 6.29
C GLN C 39 -3.20 -6.20 7.65
N LEU C 40 -2.39 -6.01 8.71
CA LEU C 40 -2.86 -6.07 10.11
C LEU C 40 -4.05 -5.11 10.35
N PRO C 41 -4.83 -5.33 11.42
CA PRO C 41 -5.95 -4.49 11.81
C PRO C 41 -5.94 -3.04 11.31
N GLY C 42 -5.05 -2.20 11.83
CA GLY C 42 -5.06 -0.76 11.50
C GLY C 42 -4.15 -0.38 10.34
N THR C 43 -3.09 -1.17 10.15
CA THR C 43 -1.89 -0.76 9.39
C THR C 43 -2.11 -0.58 7.89
N ALA C 44 -1.07 -0.07 7.23
CA ALA C 44 -0.93 -0.14 5.78
C ALA C 44 -0.35 -1.51 5.37
N PRO C 45 -0.56 -1.93 4.11
CA PRO C 45 0.05 -3.18 3.65
C PRO C 45 1.57 -3.14 3.71
N LYS C 46 2.17 -4.29 3.96
CA LYS C 46 3.61 -4.42 4.01
C LYS C 46 4.00 -5.71 3.32
N LEU C 47 4.91 -5.60 2.33
CA LEU C 47 5.32 -6.75 1.53
C LEU C 47 5.65 -7.98 2.35
N LEU C 48 4.88 -9.04 2.16
CA LEU C 48 5.01 -10.27 2.93
C LEU C 48 5.82 -11.34 2.22
N ILE C 49 5.46 -11.61 0.96
CA ILE C 49 6.21 -12.51 0.08
C ILE C 49 6.35 -11.86 -1.29
N TYR C 50 7.53 -12.00 -1.90
CA TYR C 50 7.74 -11.58 -3.28
C TYR C 50 8.29 -12.70 -4.19
N SER C 51 8.25 -12.42 -5.48
CA SER C 51 8.52 -13.39 -6.55
C SER C 51 8.04 -14.82 -6.23
N ASN C 52 6.79 -14.93 -5.78
CA ASN C 52 6.09 -16.21 -5.48
C ASN C 52 6.37 -16.77 -4.10
N ASN C 53 7.64 -16.90 -3.74
CA ASN C 53 8.04 -17.55 -2.49
C ASN C 53 9.22 -16.94 -1.73
N GLN C 54 9.69 -15.75 -2.12
CA GLN C 54 10.83 -15.10 -1.50
C GLN C 54 10.36 -14.13 -0.42
N ARG C 55 10.82 -14.36 0.81
CA ARG C 55 10.41 -13.57 1.96
C ARG C 55 11.38 -12.41 2.03
N PRO C 56 10.90 -11.19 2.37
CA PRO C 56 11.84 -10.12 2.68
C PRO C 56 12.41 -10.23 4.11
N SER C 57 13.20 -9.23 4.49
CA SER C 57 13.71 -9.09 5.84
C SER C 57 12.52 -8.92 6.79
N GLY C 58 12.56 -9.63 7.92
CA GLY C 58 11.51 -9.53 8.95
C GLY C 58 10.25 -10.33 8.72
N VAL C 59 10.22 -11.19 7.71
CA VAL C 59 9.11 -12.13 7.51
C VAL C 59 9.63 -13.54 7.80
N PRO C 60 9.06 -14.21 8.83
CA PRO C 60 9.68 -15.45 9.32
C PRO C 60 9.60 -16.65 8.39
N ASP C 61 10.37 -17.69 8.70
CA ASP C 61 10.41 -18.94 7.93
C ASP C 61 9.03 -19.63 7.88
N ARG C 62 8.17 -19.34 8.86
CA ARG C 62 6.81 -19.85 8.90
C ARG C 62 5.83 -19.27 7.86
N PHE C 63 6.27 -18.32 7.02
CA PHE C 63 5.50 -17.89 5.84
C PHE C 63 6.14 -18.40 4.54
N SER C 64 5.41 -19.25 3.82
CA SER C 64 5.88 -19.87 2.56
C SER C 64 4.96 -19.46 1.41
N GLY C 65 5.51 -19.53 0.20
CA GLY C 65 4.79 -19.16 -1.01
C GLY C 65 4.92 -20.23 -2.07
N SER C 66 3.92 -20.30 -2.95
CA SER C 66 3.80 -21.33 -3.98
C SER C 66 3.10 -20.75 -5.19
N LYS C 67 3.58 -21.09 -6.38
CA LYS C 67 2.92 -20.75 -7.63
C LYS C 67 2.73 -22.03 -8.42
N SER C 68 1.48 -22.33 -8.70
CA SER C 68 1.08 -23.57 -9.31
C SER C 68 0.35 -23.25 -10.63
N GLY C 69 1.14 -22.95 -11.67
CA GLY C 69 0.58 -22.67 -13.00
C GLY C 69 -0.09 -21.31 -13.08
N THR C 70 -1.41 -21.29 -12.94
CA THR C 70 -2.16 -20.03 -12.80
C THR C 70 -2.99 -20.04 -11.50
N SER C 71 -2.30 -20.30 -10.39
CA SER C 71 -2.82 -20.12 -9.04
C SER C 71 -1.65 -19.97 -8.06
N ALA C 72 -1.94 -19.64 -6.81
CA ALA C 72 -0.90 -19.37 -5.83
C ALA C 72 -1.33 -19.48 -4.37
N SER C 73 -0.75 -20.47 -3.69
CA SER C 73 -0.93 -20.64 -2.26
C SER C 73 0.04 -19.73 -1.54
N LEU C 74 -0.43 -19.17 -0.44
CA LEU C 74 0.43 -18.66 0.62
C LEU C 74 0.23 -19.63 1.76
N ALA C 75 1.32 -19.97 2.45
CA ALA C 75 1.31 -20.93 3.54
C ALA C 75 1.82 -20.21 4.77
N ILE C 76 1.01 -20.17 5.82
CA ILE C 76 1.38 -19.51 7.09
C ILE C 76 1.64 -20.63 8.13
N SER C 77 2.54 -21.54 7.73
CA SER C 77 2.95 -22.73 8.50
C SER C 77 3.47 -22.48 9.92
N GLY C 78 2.56 -22.43 10.88
CA GLY C 78 2.89 -22.23 12.31
C GLY C 78 2.06 -21.13 12.96
N LEU C 79 0.73 -21.25 12.85
CA LEU C 79 -0.23 -20.16 13.14
C LEU C 79 -0.02 -19.46 14.49
N GLN C 80 -0.34 -18.17 14.51
CA GLN C 80 -0.21 -17.33 15.70
C GLN C 80 -1.33 -16.29 15.71
N SER C 81 -1.81 -15.94 16.91
CA SER C 81 -2.96 -15.04 17.06
C SER C 81 -2.74 -13.63 16.53
N GLU C 82 -1.46 -13.28 16.30
CA GLU C 82 -1.07 -12.07 15.56
C GLU C 82 -0.71 -12.39 14.09
N ASP C 83 -1.55 -13.20 13.45
CA ASP C 83 -1.69 -13.26 12.00
C ASP C 83 -3.17 -12.99 11.66
N GLU C 84 -3.80 -12.15 12.48
CA GLU C 84 -5.14 -11.67 12.17
C GLU C 84 -4.88 -10.55 11.21
N ALA C 85 -5.09 -10.79 9.93
CA ALA C 85 -4.82 -9.79 8.90
C ALA C 85 -5.55 -10.14 7.62
N ASP C 86 -5.74 -9.15 6.77
CA ASP C 86 -6.11 -9.40 5.38
C ASP C 86 -4.83 -9.66 4.57
N TYR C 87 -4.77 -10.82 3.91
CA TYR C 87 -3.65 -11.16 3.03
C TYR C 87 -4.06 -10.94 1.59
N TYR C 88 -3.29 -10.14 0.88
CA TYR C 88 -3.55 -9.82 -0.51
C TYR C 88 -2.42 -10.29 -1.39
N CYS C 89 -2.74 -11.12 -2.36
CA CYS C 89 -1.84 -11.41 -3.46
C CYS C 89 -1.97 -10.32 -4.51
N ALA C 90 -0.93 -10.15 -5.32
CA ALA C 90 -1.00 -9.30 -6.50
C ALA C 90 -0.10 -9.86 -7.59
N ALA C 91 -0.58 -9.75 -8.83
CA ALA C 91 0.20 -10.08 -10.00
C ALA C 91 0.01 -8.97 -11.03
N TRP C 92 1.09 -8.66 -11.74
CA TRP C 92 0.99 -7.83 -12.94
C TRP C 92 0.24 -8.61 -13.99
N ASP C 93 -0.66 -7.96 -14.72
CA ASP C 93 -1.43 -8.61 -15.78
C ASP C 93 -1.02 -8.07 -17.15
N ASP C 94 -0.30 -8.89 -17.92
CA ASP C 94 0.12 -8.58 -19.29
C ASP C 94 -1.05 -8.25 -20.23
N SER C 95 -2.21 -8.88 -20.01
CA SER C 95 -3.40 -8.63 -20.83
C SER C 95 -4.03 -7.26 -20.52
N LEU C 96 -4.13 -6.91 -19.24
CA LEU C 96 -4.67 -5.61 -18.81
C LEU C 96 -3.64 -4.48 -18.85
N ASN C 97 -2.35 -4.82 -18.87
CA ASN C 97 -1.27 -3.83 -18.70
C ASN C 97 -1.53 -3.05 -17.41
N ALA C 98 -1.68 -3.82 -16.33
CA ALA C 98 -2.13 -3.27 -15.05
C ALA C 98 -2.01 -4.30 -13.92
N TRP C 99 -1.77 -3.78 -12.71
CA TRP C 99 -1.68 -4.60 -11.50
C TRP C 99 -3.07 -4.94 -11.11
N VAL C 100 -3.20 -6.10 -10.45
CA VAL C 100 -4.47 -6.60 -9.96
C VAL C 100 -4.24 -7.39 -8.67
N PHE C 101 -4.95 -6.97 -7.63
CA PHE C 101 -4.88 -7.60 -6.33
C PHE C 101 -6.04 -8.57 -6.22
N GLY C 102 -5.86 -9.58 -5.39
CA GLY C 102 -6.96 -10.47 -5.03
C GLY C 102 -7.97 -9.79 -4.10
N GLY C 103 -9.13 -10.44 -3.94
CA GLY C 103 -10.20 -9.95 -3.07
C GLY C 103 -9.81 -9.69 -1.62
N GLY C 104 -8.85 -10.45 -1.11
CA GLY C 104 -8.38 -10.33 0.26
C GLY C 104 -8.91 -11.52 1.04
N THR C 105 -8.08 -12.06 1.91
CA THR C 105 -8.47 -13.20 2.75
C THR C 105 -8.21 -12.82 4.18
N LYS C 106 -9.29 -12.60 4.92
CA LYS C 106 -9.19 -12.25 6.34
C LYS C 106 -8.93 -13.54 7.12
N LEU C 107 -7.67 -13.75 7.47
CA LEU C 107 -7.28 -14.88 8.30
C LEU C 107 -7.75 -14.66 9.73
N THR C 108 -8.06 -15.73 10.44
CA THR C 108 -8.44 -15.62 11.86
C THR C 108 -7.98 -16.87 12.63
N VAL C 109 -7.72 -16.69 13.93
CA VAL C 109 -7.33 -17.77 14.84
C VAL C 109 -8.48 -17.99 15.81
N LEU C 110 -8.85 -19.25 16.02
CA LEU C 110 -10.03 -19.60 16.79
C LEU C 110 -9.78 -20.76 17.75
N GLY C 111 -8.60 -20.76 18.37
CA GLY C 111 -8.28 -21.74 19.42
C GLY C 111 -7.73 -21.14 20.70
N GLN C 112 -7.84 -19.82 20.85
CA GLN C 112 -7.32 -19.12 22.02
C GLN C 112 -8.33 -19.32 23.16
N PRO C 113 -7.86 -19.30 24.42
CA PRO C 113 -8.81 -19.29 25.54
C PRO C 113 -9.76 -18.09 25.51
N LYS C 114 -11.06 -18.37 25.64
CA LYS C 114 -12.06 -17.33 25.52
C LYS C 114 -11.97 -16.37 26.68
N SER C 115 -12.18 -15.08 26.41
CA SER C 115 -12.30 -14.05 27.44
C SER C 115 -13.66 -13.37 27.31
N SER C 116 -14.33 -13.15 28.45
CA SER C 116 -15.63 -12.47 28.47
C SER C 116 -15.41 -10.97 28.36
N PRO C 117 -16.41 -10.21 27.85
CA PRO C 117 -16.23 -8.76 27.66
C PRO C 117 -16.24 -7.92 28.96
N SER C 118 -15.29 -7.00 29.07
CA SER C 118 -15.34 -5.94 30.07
C SER C 118 -16.28 -4.86 29.54
N VAL C 119 -17.50 -4.85 30.07
CA VAL C 119 -18.55 -3.93 29.65
C VAL C 119 -18.56 -2.72 30.59
N THR C 120 -18.83 -1.54 30.04
CA THR C 120 -18.82 -0.31 30.80
C THR C 120 -19.84 0.70 30.25
N LEU C 121 -20.88 1.00 31.03
CA LEU C 121 -21.95 1.90 30.61
C LEU C 121 -21.72 3.34 31.09
N PHE C 122 -21.94 4.30 30.21
CA PHE C 122 -21.62 5.72 30.47
C PHE C 122 -22.88 6.59 30.39
N PRO C 123 -23.24 7.27 31.51
CA PRO C 123 -24.38 8.19 31.39
C PRO C 123 -24.03 9.41 30.52
N PRO C 124 -25.03 10.03 29.87
CA PRO C 124 -24.79 11.17 28.98
C PRO C 124 -24.06 12.35 29.61
N SER C 125 -23.33 13.06 28.78
CA SER C 125 -22.57 14.23 29.17
C SER C 125 -23.47 15.41 29.47
N SER C 126 -23.24 16.06 30.61
CA SER C 126 -23.96 17.29 30.97
C SER C 126 -23.92 18.32 29.82
N GLU C 127 -22.74 18.42 29.18
CA GLU C 127 -22.50 19.32 28.04
C GLU C 127 -23.38 18.99 26.83
N GLU C 128 -23.62 17.69 26.61
CA GLU C 128 -24.51 17.21 25.54
C GLU C 128 -25.97 17.36 25.90
N LEU C 129 -26.31 17.15 27.17
CA LEU C 129 -27.66 17.42 27.67
C LEU C 129 -28.08 18.88 27.48
N GLU C 130 -27.11 19.79 27.53
CA GLU C 130 -27.34 21.21 27.23
C GLU C 130 -27.78 21.44 25.78
N THR C 131 -27.36 20.57 24.87
CA THR C 131 -27.78 20.60 23.47
C THR C 131 -29.04 19.76 23.17
N ASN C 132 -29.83 19.45 24.21
CA ASN C 132 -31.08 18.69 24.09
C ASN C 132 -30.95 17.36 23.34
N LYS C 133 -29.82 16.68 23.58
CA LYS C 133 -29.51 15.36 23.05
C LYS C 133 -28.81 14.56 24.14
N ALA C 134 -28.84 13.24 24.05
CA ALA C 134 -28.17 12.38 25.04
C ALA C 134 -27.78 11.03 24.45
N THR C 135 -26.56 10.58 24.79
CA THR C 135 -26.02 9.31 24.31
C THR C 135 -25.46 8.48 25.46
N LEU C 136 -26.06 7.34 25.73
CA LEU C 136 -25.45 6.35 26.61
C LEU C 136 -24.45 5.54 25.79
N VAL C 137 -23.20 5.47 26.26
CA VAL C 137 -22.14 4.74 25.54
C VAL C 137 -21.75 3.49 26.31
N CYS C 138 -21.60 2.37 25.59
CA CYS C 138 -21.21 1.10 26.18
C CYS C 138 -19.89 0.62 25.59
N THR C 139 -18.79 0.85 26.30
CA THR C 139 -17.50 0.30 25.87
C THR C 139 -17.43 -1.18 26.25
N ILE C 140 -17.06 -1.99 25.26
CA ILE C 140 -17.04 -3.45 25.38
C ILE C 140 -15.65 -3.90 24.98
N THR C 141 -14.85 -4.30 25.94
CA THR C 141 -13.42 -4.52 25.72
C THR C 141 -12.98 -5.92 26.15
N ASP C 142 -11.91 -6.41 25.51
CA ASP C 142 -11.26 -7.70 25.84
C ASP C 142 -12.22 -8.89 25.82
N PHE C 143 -12.92 -9.09 24.70
CA PHE C 143 -13.64 -10.35 24.46
C PHE C 143 -12.94 -11.16 23.38
N TYR C 144 -13.16 -12.47 23.44
CA TYR C 144 -12.67 -13.40 22.42
C TYR C 144 -13.48 -14.70 22.54
N PRO C 145 -13.95 -15.32 21.45
CA PRO C 145 -13.76 -14.92 20.05
C PRO C 145 -14.46 -13.62 19.68
N GLY C 146 -14.15 -13.08 18.50
CA GLY C 146 -14.53 -11.73 18.15
C GLY C 146 -15.97 -11.52 17.73
N VAL C 147 -16.92 -11.85 18.61
CA VAL C 147 -18.35 -11.68 18.35
C VAL C 147 -19.13 -11.29 19.61
N VAL C 148 -19.97 -10.25 19.48
CA VAL C 148 -20.90 -9.82 20.54
C VAL C 148 -22.16 -9.19 19.98
N THR C 149 -23.31 -9.63 20.50
CA THR C 149 -24.59 -8.96 20.29
C THR C 149 -24.81 -8.03 21.47
N VAL C 150 -25.31 -6.82 21.19
CA VAL C 150 -25.47 -5.80 22.21
C VAL C 150 -26.93 -5.34 22.28
N ASP C 151 -27.56 -5.60 23.43
CA ASP C 151 -28.93 -5.19 23.69
C ASP C 151 -29.04 -4.02 24.66
N TRP C 152 -30.18 -3.33 24.61
CA TRP C 152 -30.47 -2.17 25.47
C TRP C 152 -31.88 -2.30 26.05
N LYS C 153 -31.99 -2.21 27.38
CA LYS C 153 -33.30 -2.08 28.05
C LYS C 153 -33.40 -0.69 28.66
N VAL C 154 -34.63 -0.20 28.76
CA VAL C 154 -34.93 1.04 29.47
C VAL C 154 -36.19 0.77 30.33
N ASP C 155 -36.02 0.88 31.65
CA ASP C 155 -37.07 0.60 32.64
C ASP C 155 -37.64 -0.83 32.57
N GLY C 156 -36.85 -1.76 32.03
CA GLY C 156 -37.32 -3.12 31.72
C GLY C 156 -37.71 -3.35 30.27
N THR C 157 -38.22 -2.31 29.60
CA THR C 157 -38.66 -2.41 28.19
C THR C 157 -37.46 -2.28 27.21
N PRO C 158 -37.31 -3.23 26.26
CA PRO C 158 -36.16 -3.20 25.35
C PRO C 158 -36.24 -2.10 24.29
N VAL C 159 -35.07 -1.69 23.79
CA VAL C 159 -34.96 -0.61 22.81
C VAL C 159 -35.03 -1.18 21.40
N THR C 160 -35.70 -0.45 20.51
CA THR C 160 -35.70 -0.74 19.07
C THR C 160 -35.15 0.41 18.21
N GLN C 161 -35.30 1.65 18.68
CA GLN C 161 -34.96 2.84 17.90
C GLN C 161 -33.72 3.55 18.46
N GLY C 162 -32.94 4.16 17.58
CA GLY C 162 -31.84 5.04 17.98
C GLY C 162 -30.54 4.37 18.40
N MET C 163 -30.58 3.09 18.75
CA MET C 163 -29.38 2.36 19.17
C MET C 163 -28.48 2.03 17.99
N GLU C 164 -27.18 2.03 18.25
CA GLU C 164 -26.14 1.71 17.27
C GLU C 164 -25.06 0.90 17.96
N THR C 165 -24.39 0.03 17.21
CA THR C 165 -23.24 -0.70 17.71
C THR C 165 -22.16 -0.78 16.63
N THR C 166 -20.93 -0.43 17.00
CA THR C 166 -19.79 -0.48 16.10
C THR C 166 -19.39 -1.94 15.86
N GLN C 167 -18.61 -2.18 14.82
CA GLN C 167 -18.15 -3.54 14.51
C GLN C 167 -16.91 -3.85 15.36
N PRO C 168 -16.64 -5.14 15.67
CA PRO C 168 -15.50 -5.44 16.55
C PRO C 168 -14.13 -5.10 15.95
N SER C 169 -13.26 -4.50 16.76
CA SER C 169 -11.91 -4.18 16.35
C SER C 169 -10.97 -4.95 17.24
N LYS C 170 -9.91 -5.51 16.65
CA LYS C 170 -8.93 -6.30 17.38
C LYS C 170 -8.01 -5.38 18.18
N GLN C 171 -7.56 -5.86 19.32
CA GLN C 171 -6.64 -5.12 20.18
C GLN C 171 -5.23 -5.67 20.05
N SER C 172 -4.27 -4.86 20.49
CA SER C 172 -2.88 -5.30 20.74
C SER C 172 -2.78 -6.63 21.51
N ASN C 173 -3.73 -6.84 22.42
CA ASN C 173 -3.85 -8.07 23.24
C ASN C 173 -4.25 -9.35 22.48
N ASN C 174 -4.79 -9.20 21.27
CA ASN C 174 -5.46 -10.23 20.46
C ASN C 174 -6.98 -10.32 20.75
N LYS C 175 -7.38 -10.02 21.97
CA LYS C 175 -8.79 -9.90 22.30
C LYS C 175 -9.34 -8.66 21.59
N TYR C 176 -10.60 -8.70 21.17
CA TYR C 176 -11.21 -7.61 20.40
C TYR C 176 -11.99 -6.67 21.33
N MET C 177 -12.47 -5.57 20.76
CA MET C 177 -13.26 -4.58 21.49
C MET C 177 -14.40 -4.09 20.61
N ALA C 178 -15.37 -3.40 21.22
CA ALA C 178 -16.52 -2.88 20.49
C ALA C 178 -17.19 -1.81 21.33
N SER C 179 -18.24 -1.20 20.79
CA SER C 179 -18.86 -0.01 21.37
C SER C 179 -20.31 0.12 20.89
N SER C 180 -21.25 0.23 21.83
CA SER C 180 -22.64 0.53 21.49
C SER C 180 -23.02 1.92 21.96
N TYR C 181 -23.89 2.59 21.20
CA TYR C 181 -24.38 3.95 21.51
C TYR C 181 -25.91 3.98 21.46
N LEU C 182 -26.54 4.11 22.63
CA LEU C 182 -27.98 4.41 22.69
C LEU C 182 -28.23 5.90 22.73
N THR C 183 -28.85 6.43 21.68
CA THR C 183 -29.12 7.87 21.56
C THR C 183 -30.59 8.20 21.85
N LEU C 184 -30.80 9.10 22.81
CA LEU C 184 -32.11 9.58 23.21
C LEU C 184 -32.11 11.09 23.16
N THR C 185 -33.31 11.66 23.20
CA THR C 185 -33.48 13.10 23.40
C THR C 185 -33.25 13.45 24.87
N ALA C 186 -33.24 14.75 25.17
CA ALA C 186 -33.17 15.24 26.55
C ALA C 186 -34.48 14.95 27.29
N ARG C 187 -35.61 15.16 26.61
CA ARG C 187 -36.94 14.79 27.10
C ARG C 187 -37.01 13.31 27.48
N ALA C 188 -36.52 12.46 26.58
CA ALA C 188 -36.45 11.00 26.78
C ALA C 188 -35.55 10.59 27.96
N TRP C 189 -34.35 11.15 28.01
CA TRP C 189 -33.41 10.89 29.11
C TRP C 189 -33.99 11.30 30.47
N GLU C 190 -34.69 12.43 30.51
CA GLU C 190 -35.38 12.91 31.72
C GLU C 190 -36.61 12.07 32.08
N ARG C 191 -37.33 11.55 31.09
CA ARG C 191 -38.57 10.79 31.34
C ARG C 191 -38.41 9.25 31.48
N HIS C 192 -37.18 8.77 31.63
CA HIS C 192 -36.91 7.35 31.87
C HIS C 192 -35.81 7.21 32.91
N SER C 193 -35.95 6.26 33.83
CA SER C 193 -35.09 6.17 35.03
C SER C 193 -33.94 5.18 34.89
N SER C 194 -34.29 3.93 34.60
CA SER C 194 -33.35 2.82 34.57
C SER C 194 -32.95 2.51 33.14
N TYR C 195 -31.65 2.48 32.85
CA TYR C 195 -31.13 2.14 31.52
C TYR C 195 -30.15 0.98 31.58
N SER C 196 -30.60 -0.19 31.15
CA SER C 196 -29.72 -1.35 31.04
C SER C 196 -28.93 -1.31 29.73
N CYS C 197 -27.98 -2.22 29.62
CA CYS C 197 -27.21 -2.39 28.41
C CYS C 197 -26.55 -3.76 28.52
N GLN C 198 -26.95 -4.67 27.65
CA GLN C 198 -26.57 -6.07 27.73
C GLN C 198 -25.65 -6.39 26.58
N VAL C 199 -24.55 -7.07 26.88
CA VAL C 199 -23.66 -7.60 25.87
C VAL C 199 -23.65 -9.10 26.05
N THR C 200 -24.13 -9.82 25.05
CA THR C 200 -24.15 -11.28 25.06
C THR C 200 -22.99 -11.80 24.21
N HIS C 201 -22.16 -12.63 24.84
CA HIS C 201 -20.90 -13.10 24.26
C HIS C 201 -20.69 -14.60 24.45
N GLU C 202 -20.71 -15.35 23.35
CA GLU C 202 -20.56 -16.80 23.35
C GLU C 202 -21.45 -17.39 24.46
N GLY C 203 -22.75 -17.17 24.29
CA GLY C 203 -23.77 -17.73 25.17
C GLY C 203 -23.90 -17.15 26.57
N HIS C 204 -23.13 -16.12 26.90
CA HIS C 204 -23.02 -15.66 28.29
C HIS C 204 -23.12 -14.14 28.42
N THR C 205 -24.29 -13.68 28.87
CA THR C 205 -24.61 -12.24 28.97
C THR C 205 -23.92 -11.52 30.12
N VAL C 206 -23.10 -10.54 29.76
CA VAL C 206 -22.61 -9.54 30.72
C VAL C 206 -23.58 -8.38 30.56
N GLU C 207 -23.76 -7.62 31.64
CA GLU C 207 -24.76 -6.55 31.68
C GLU C 207 -24.36 -5.53 32.75
N LYS C 208 -24.39 -4.25 32.40
CA LYS C 208 -24.20 -3.15 33.35
C LYS C 208 -25.23 -2.07 33.07
N SER C 209 -25.96 -1.69 34.12
CA SER C 209 -27.01 -0.66 34.04
C SER C 209 -26.57 0.63 34.73
N LEU C 210 -27.37 1.68 34.53
CA LEU C 210 -27.32 2.88 35.38
C LEU C 210 -28.73 3.38 35.62
N SER C 211 -28.99 3.84 36.84
CA SER C 211 -30.20 4.61 37.15
C SER C 211 -29.81 6.08 37.22
N ARG C 212 -30.50 6.92 36.46
CA ARG C 212 -30.18 8.37 36.31
C ARG C 212 -29.91 9.09 37.66
N ALA C 213 -30.66 8.74 38.70
CA ALA C 213 -30.38 9.23 40.07
C ALA C 213 -29.01 8.74 40.60
N ASP C 214 -27.97 9.50 40.28
CA ASP C 214 -26.60 9.20 40.71
C ASP C 214 -26.41 9.62 42.16
#